data_4R0W
# 
_entry.id   4R0W 
# 
_audit_conform.dict_name       mmcif_pdbx.dic 
_audit_conform.dict_version    5.389 
_audit_conform.dict_location   http://mmcif.pdb.org/dictionaries/ascii/mmcif_pdbx.dic 
# 
loop_
_database_2.database_id 
_database_2.database_code 
_database_2.pdbx_database_accession 
_database_2.pdbx_DOI 
PDB   4R0W         pdb_00004r0w 10.2210/pdb4r0w/pdb 
RCSB  RCSB086759   ?            ?                   
WWPDB D_1000086759 ?            ?                   
# 
loop_
_pdbx_audit_revision_history.ordinal 
_pdbx_audit_revision_history.data_content_type 
_pdbx_audit_revision_history.major_revision 
_pdbx_audit_revision_history.minor_revision 
_pdbx_audit_revision_history.revision_date 
1 'Structure model' 1 0 2014-12-17 
2 'Structure model' 1 1 2015-01-14 
3 'Structure model' 1 2 2024-02-28 
4 'Structure model' 1 3 2024-04-03 
# 
_pdbx_audit_revision_details.ordinal             1 
_pdbx_audit_revision_details.revision_ordinal    1 
_pdbx_audit_revision_details.data_content_type   'Structure model' 
_pdbx_audit_revision_details.provider            repository 
_pdbx_audit_revision_details.type                'Initial release' 
_pdbx_audit_revision_details.description         ? 
_pdbx_audit_revision_details.details             ? 
# 
loop_
_pdbx_audit_revision_group.ordinal 
_pdbx_audit_revision_group.revision_ordinal 
_pdbx_audit_revision_group.data_content_type 
_pdbx_audit_revision_group.group 
1 2 'Structure model' 'Database references'    
2 3 'Structure model' 'Data collection'        
3 3 'Structure model' 'Database references'    
4 4 'Structure model' 'Refinement description' 
# 
loop_
_pdbx_audit_revision_category.ordinal 
_pdbx_audit_revision_category.revision_ordinal 
_pdbx_audit_revision_category.data_content_type 
_pdbx_audit_revision_category.category 
1 3 'Structure model' chem_comp_atom                
2 3 'Structure model' chem_comp_bond                
3 3 'Structure model' database_2                    
4 4 'Structure model' pdbx_initial_refinement_model 
# 
loop_
_pdbx_audit_revision_item.ordinal 
_pdbx_audit_revision_item.revision_ordinal 
_pdbx_audit_revision_item.data_content_type 
_pdbx_audit_revision_item.item 
1 3 'Structure model' '_database_2.pdbx_DOI'                
2 3 'Structure model' '_database_2.pdbx_database_accession' 
# 
_pdbx_database_status.entry_id                        4R0W 
_pdbx_database_status.status_code                     REL 
_pdbx_database_status.methods_development_category    ? 
_pdbx_database_status.deposit_site                    RCSB 
_pdbx_database_status.process_site                    RCSB 
_pdbx_database_status.recvd_initial_deposition_date   2014-08-01 
_pdbx_database_status.status_code_sf                  REL 
_pdbx_database_status.status_code_mr                  ? 
_pdbx_database_status.SG_entry                        ? 
_pdbx_database_status.status_code_cs                  ? 
_pdbx_database_status.pdb_format_compatible           Y 
_pdbx_database_status.status_code_nmr_data            ? 
# 
_pdbx_database_related.db_name        PDB 
_pdbx_database_related.db_id          4r0u 
_pdbx_database_related.details        'TGVTAVA, another amyloid forming segment from alpha-synuclein' 
_pdbx_database_related.content_type   unspecified 
# 
loop_
_audit_author.name 
_audit_author.pdbx_ordinal 
'Ivanova, M.I.'   1 
'Eisenberg, D.S.' 2 
'Sawaya, M.R.'    3 
# 
_citation.id                        primary 
_citation.title                     'Structure-based design of functional amyloid materials.' 
_citation.journal_abbrev            J.Am.Chem.Soc. 
_citation.journal_volume            136 
_citation.page_first                18044 
_citation.page_last                 18051 
_citation.year                      2014 
_citation.journal_id_ASTM           JACSAT 
_citation.country                   US 
_citation.journal_id_ISSN           0002-7863 
_citation.journal_id_CSD            0004 
_citation.book_publisher            ? 
_citation.pdbx_database_id_PubMed   25474758 
_citation.pdbx_database_id_DOI      10.1021/ja509648u 
# 
loop_
_citation_author.citation_id 
_citation_author.name 
_citation_author.ordinal 
_citation_author.identifier_ORCID 
primary 'Li, D.'          1  ? 
primary 'Jones, E.M.'     2  ? 
primary 'Sawaya, M.R.'    3  ? 
primary 'Furukawa, H.'    4  ? 
primary 'Luo, F.'         5  ? 
primary 'Ivanova, M.'     6  ? 
primary 'Sievers, S.A.'   7  ? 
primary 'Wang, W.'        8  ? 
primary 'Yaghi, O.M.'     9  ? 
primary 'Liu, C.'         10 ? 
primary 'Eisenberg, D.S.' 11 ? 
# 
loop_
_entity.id 
_entity.type 
_entity.src_method 
_entity.pdbx_description 
_entity.formula_weight 
_entity.pdbx_number_of_molecules 
_entity.pdbx_ec 
_entity.pdbx_mutation 
_entity.pdbx_fragment 
_entity.details 
1 polymer syn Alpha-synuclein 645.745 1 ? ? 'UNP RESIDUES 70-76' ? 
2 water   nat water           18.015  1 ? ? ?                    ? 
# 
_entity_name_com.entity_id   1 
_entity_name_com.name        'Non-A beta component of AD amyloid, Non-A4 component of amyloid precursor, NACP' 
# 
_entity_poly.entity_id                      1 
_entity_poly.type                           'polypeptide(L)' 
_entity_poly.nstd_linkage                   no 
_entity_poly.nstd_monomer                   no 
_entity_poly.pdbx_seq_one_letter_code       VVTGVTA 
_entity_poly.pdbx_seq_one_letter_code_can   VVTGVTA 
_entity_poly.pdbx_strand_id                 A 
_entity_poly.pdbx_target_identifier         ? 
# 
_pdbx_entity_nonpoly.entity_id   2 
_pdbx_entity_nonpoly.name        water 
_pdbx_entity_nonpoly.comp_id     HOH 
# 
loop_
_entity_poly_seq.entity_id 
_entity_poly_seq.num 
_entity_poly_seq.mon_id 
_entity_poly_seq.hetero 
1 1 VAL n 
1 2 VAL n 
1 3 THR n 
1 4 GLY n 
1 5 VAL n 
1 6 THR n 
1 7 ALA n 
# 
_pdbx_entity_src_syn.entity_id              1 
_pdbx_entity_src_syn.pdbx_src_id            1 
_pdbx_entity_src_syn.pdbx_alt_source_flag   sample 
_pdbx_entity_src_syn.pdbx_beg_seq_num       ? 
_pdbx_entity_src_syn.pdbx_end_seq_num       ? 
_pdbx_entity_src_syn.organism_scientific    'Homo sapiens' 
_pdbx_entity_src_syn.organism_common_name   human 
_pdbx_entity_src_syn.ncbi_taxonomy_id       9606 
_pdbx_entity_src_syn.details                'VVTGVTA (residues 70-76) from Human alpha-synuclein, synthesized' 
# 
loop_
_chem_comp.id 
_chem_comp.type 
_chem_comp.mon_nstd_flag 
_chem_comp.name 
_chem_comp.pdbx_synonyms 
_chem_comp.formula 
_chem_comp.formula_weight 
ALA 'L-peptide linking' y ALANINE   ? 'C3 H7 N O2'  89.093  
GLY 'peptide linking'   y GLYCINE   ? 'C2 H5 N O2'  75.067  
HOH non-polymer         . WATER     ? 'H2 O'        18.015  
THR 'L-peptide linking' y THREONINE ? 'C4 H9 N O3'  119.119 
VAL 'L-peptide linking' y VALINE    ? 'C5 H11 N O2' 117.146 
# 
loop_
_pdbx_poly_seq_scheme.asym_id 
_pdbx_poly_seq_scheme.entity_id 
_pdbx_poly_seq_scheme.seq_id 
_pdbx_poly_seq_scheme.mon_id 
_pdbx_poly_seq_scheme.ndb_seq_num 
_pdbx_poly_seq_scheme.pdb_seq_num 
_pdbx_poly_seq_scheme.auth_seq_num 
_pdbx_poly_seq_scheme.pdb_mon_id 
_pdbx_poly_seq_scheme.auth_mon_id 
_pdbx_poly_seq_scheme.pdb_strand_id 
_pdbx_poly_seq_scheme.pdb_ins_code 
_pdbx_poly_seq_scheme.hetero 
A 1 1 VAL 1 1 1 VAL VAL A . n 
A 1 2 VAL 2 2 2 VAL VAL A . n 
A 1 3 THR 3 3 3 THR THR A . n 
A 1 4 GLY 4 4 4 GLY GLY A . n 
A 1 5 VAL 5 5 5 VAL VAL A . n 
A 1 6 THR 6 6 6 THR THR A . n 
A 1 7 ALA 7 7 7 ALA ALA A . n 
# 
_pdbx_nonpoly_scheme.asym_id         B 
_pdbx_nonpoly_scheme.entity_id       2 
_pdbx_nonpoly_scheme.mon_id          HOH 
_pdbx_nonpoly_scheme.ndb_seq_num     1 
_pdbx_nonpoly_scheme.pdb_seq_num     101 
_pdbx_nonpoly_scheme.auth_seq_num    1 
_pdbx_nonpoly_scheme.pdb_mon_id      HOH 
_pdbx_nonpoly_scheme.auth_mon_id     HOH 
_pdbx_nonpoly_scheme.pdb_strand_id   A 
_pdbx_nonpoly_scheme.pdb_ins_code    . 
# 
loop_
_software.pdbx_ordinal 
_software.name 
_software.version 
_software.date 
_software.type 
_software.contact_author 
_software.contact_author_email 
_software.classification 
_software.location 
_software.language 
_software.citation_id 
1 DENZO       .        ?                          program 'Zbyszek Otwinowski' hkl@hkl-xray.com            'data reduction'  
http://www.hkl-xray.com/                     ?          ? 
2 SCALEPACK   .        ?                          program 'Zbyszek Otwinowski' hkl@hkl-xray.com            'data scaling'    
http://www.hkl-xray.com/                     ?          ? 
3 PHASER      1.3.2    'Wed Feb 15 11:59:26 2006' program 'Randy J. Read'      cimr-phaser@lists.cam.ac.uk phasing           
http://www-structmed.cimr.cam.ac.uk/phaser/  ?          ? 
4 REFMAC      5.2.0019 ?                          program 'Garib N. Murshudov' garib@ysbl.york.ac.uk       refinement        
http://www.ccp4.ac.uk/dist/html/refmac5.html Fortran_77 ? 
5 PDB_EXTRACT 3.14     'Dec. 10, 2013'            package PDB                  deposit@deposit.rcsb.org    'data extraction' 
http://sw-tools.pdb.org/apps/PDB_EXTRACT/    C++        ? 
# 
_cell.length_a           50.367 
_cell.length_b           4.823 
_cell.length_c           15.692 
_cell.angle_alpha        90.000 
_cell.angle_beta         107.890 
_cell.angle_gamma        90.000 
_cell.entry_id           4R0W 
_cell.pdbx_unique_axis   ? 
_cell.Z_PDB              4 
_cell.length_a_esd       ? 
_cell.length_b_esd       ? 
_cell.length_c_esd       ? 
_cell.angle_alpha_esd    ? 
_cell.angle_beta_esd     ? 
_cell.angle_gamma_esd    ? 
# 
_symmetry.space_group_name_H-M             'C 1 2 1' 
_symmetry.entry_id                         4R0W 
_symmetry.Int_Tables_number                5 
_symmetry.pdbx_full_space_group_name_H-M   ? 
_symmetry.cell_setting                     ? 
_symmetry.space_group_name_Hall            ? 
# 
_exptl.crystals_number   1 
_exptl.entry_id          4R0W 
_exptl.method            'X-RAY DIFFRACTION' 
# 
_exptl_crystal.id                    1 
_exptl_crystal.pdbx_mosaicity        0.600 
_exptl_crystal.pdbx_mosaicity_esd    ? 
_exptl_crystal.density_Matthews      1.40 
_exptl_crystal.density_diffrn        ? 
_exptl_crystal.density_meas          ? 
_exptl_crystal.density_meas_temp     ? 
_exptl_crystal.density_percent_sol   12.42 
_exptl_crystal.size_max              ? 
_exptl_crystal.size_mid              ? 
_exptl_crystal.size_min              ? 
_exptl_crystal.size_rad              ? 
_exptl_crystal.description           ? 
_exptl_crystal.F_000                 ? 
_exptl_crystal.preparation           ? 
# 
_exptl_crystal_grow.crystal_id      1 
_exptl_crystal_grow.method          'VAPOR DIFFUSION, HANGING DROP' 
_exptl_crystal_grow.pH              6.5 
_exptl_crystal_grow.temp            298 
_exptl_crystal_grow.pdbx_details    'isopropanol, sodium cacodylate, pH 6.5, vapor diffusion, hanging drop, temperature 298K' 
_exptl_crystal_grow.temp_details    ? 
_exptl_crystal_grow.pdbx_pH_range   ? 
# 
_diffrn.id                     1 
_diffrn.ambient_temp           100 
_diffrn.ambient_temp_details   ? 
_diffrn.crystal_id             1 
# 
_diffrn_detector.diffrn_id              1 
_diffrn_detector.detector               CCD 
_diffrn_detector.type                   'MAR CCD 165 mm' 
_diffrn_detector.pdbx_collection_date   2007-07-14 
_diffrn_detector.details                ? 
# 
_diffrn_radiation.diffrn_id                        1 
_diffrn_radiation.pdbx_diffrn_protocol             'SINGLE WAVELENGTH' 
_diffrn_radiation.monochromator                    ? 
_diffrn_radiation.wavelength_id                    1 
_diffrn_radiation.pdbx_monochromatic_or_laue_m_l   M 
_diffrn_radiation.pdbx_scattering_type             x-ray 
# 
_diffrn_radiation_wavelength.id           1 
_diffrn_radiation_wavelength.wavelength   0.895432 
_diffrn_radiation_wavelength.wt           1.0 
# 
_diffrn_source.diffrn_id                   1 
_diffrn_source.source                      SYNCHROTRON 
_diffrn_source.type                        'ESRF BEAMLINE ID13' 
_diffrn_source.pdbx_wavelength_list        0.895432 
_diffrn_source.pdbx_wavelength             ? 
_diffrn_source.pdbx_synchrotron_site       ESRF 
_diffrn_source.pdbx_synchrotron_beamline   ID13 
# 
_reflns.entry_id                     4R0W 
_reflns.d_resolution_high            1.500 
_reflns.d_resolution_low             90.000 
_reflns.number_obs                   650 
_reflns.pdbx_Rmerge_I_obs            0.193 
_reflns.pdbx_netI_over_sigmaI        5.000 
_reflns.pdbx_chi_squared             1.113 
_reflns.pdbx_redundancy              3.100 
_reflns.percent_possible_obs         93.900 
_reflns.observed_criterion_sigma_F   ? 
_reflns.observed_criterion_sigma_I   -3.0 
_reflns.number_all                   650 
_reflns.pdbx_Rsym_value              ? 
_reflns.B_iso_Wilson_estimate        17.4 
_reflns.R_free_details               ? 
_reflns.limit_h_max                  ? 
_reflns.limit_h_min                  ? 
_reflns.limit_k_max                  ? 
_reflns.limit_k_min                  ? 
_reflns.limit_l_max                  ? 
_reflns.limit_l_min                  ? 
_reflns.observed_criterion_F_max     ? 
_reflns.observed_criterion_F_min     ? 
_reflns.pdbx_scaling_rejects         ? 
_reflns.pdbx_ordinal                 1 
_reflns.pdbx_diffrn_id               1 
# 
loop_
_reflns_shell.d_res_high 
_reflns_shell.d_res_low 
_reflns_shell.number_measured_obs 
_reflns_shell.number_measured_all 
_reflns_shell.number_unique_obs 
_reflns_shell.pdbx_rejects 
_reflns_shell.Rmerge_I_obs 
_reflns_shell.meanI_over_sigI_obs 
_reflns_shell.pdbx_Rsym_value 
_reflns_shell.pdbx_chi_squared 
_reflns_shell.pdbx_redundancy 
_reflns_shell.percent_possible_obs 
_reflns_shell.pdbx_netI_over_sigmaI_obs 
_reflns_shell.number_possible 
_reflns_shell.number_unique_all 
_reflns_shell.Rmerge_F_all 
_reflns_shell.Rmerge_F_obs 
_reflns_shell.Rmerge_I_all 
_reflns_shell.meanI_over_sigI_all 
_reflns_shell.percent_possible_all 
_reflns_shell.pdbx_Rrim_I_all 
_reflns_shell.pdbx_Rpim_I_all 
_reflns_shell.pdbx_ordinal 
_reflns_shell.pdbx_diffrn_id 
1.500 1.620  ? ? ? 0 0.177 ? ? 1.003 2.300 ? ? ? 121 ? ? ? ? 88.300 ? ? 1 1 
1.620 1.780  ? ? ? 0 0.491 ? ? 1.081 2.100 ? ? ? 106 ? ? ? ? 85.500 ? ? 2 1 
1.780 2.040  ? ? ? 0 0.377 ? ? 1.136 3.400 ? ? ? 128 ? ? ? ? 97.700 ? ? 3 1 
2.040 2.560  ? ? ? 0 0.256 ? ? 1.109 3.900 ? ? ? 144 ? ? ? ? 98.600 ? ? 4 1 
2.560 90.000 ? ? ? 0 0.164 ? ? 1.153 3.500 ? ? ? 151 ? ? ? ? 98.100 ? ? 5 1 
# 
_refine.entry_id                                 4R0W 
_refine.ls_d_res_high                            1.5000 
_refine.ls_d_res_low                             23.9700 
_refine.pdbx_ls_sigma_F                          0.000 
_refine.pdbx_data_cutoff_high_absF               ? 
_refine.pdbx_data_cutoff_low_absF                ? 
_refine.ls_percent_reflns_obs                    93.5100 
_refine.ls_number_reflns_obs                     648 
_refine.ls_number_reflns_all                     648 
_refine.pdbx_ls_cross_valid_method               THROUGHOUT 
_refine.pdbx_R_Free_selection_details            RANDOM 
_refine.details                                  'HYDROGENS HAVE BEEN ADDED IN THE RIDING POSITIONS' 
_refine.ls_R_factor_all                          0.2467 
_refine.ls_R_factor_obs                          0.2467 
_refine.ls_R_factor_R_work                       0.2440 
_refine.ls_wR_factor_R_work                      0.2740 
_refine.ls_R_factor_R_free                       0.2739 
_refine.ls_wR_factor_R_free                      0.3048 
_refine.ls_percent_reflns_R_free                 9.6000 
_refine.ls_number_reflns_R_free                  62 
_refine.ls_R_factor_R_free_error                 ? 
_refine.B_iso_mean                               11.9100 
_refine.solvent_model_param_bsol                 ? 
_refine.solvent_model_param_ksol                 ? 
_refine.pdbx_isotropic_thermal_model             ? 
_refine.aniso_B[1][1]                            0.3700 
_refine.aniso_B[2][2]                            -3.0000 
_refine.aniso_B[3][3]                            2.9500 
_refine.aniso_B[1][2]                            0.0000 
_refine.aniso_B[1][3]                            0.5300 
_refine.aniso_B[2][3]                            0.0000 
_refine.correlation_coeff_Fo_to_Fc               0.9590 
_refine.correlation_coeff_Fo_to_Fc_free          0.9440 
_refine.overall_SU_R_Cruickshank_DPI             0.1311 
_refine.overall_SU_R_free                        0.1219 
_refine.pdbx_overall_ESU_R                       0.1310 
_refine.pdbx_overall_ESU_R_Free                  0.1220 
_refine.overall_SU_ML                            0.0960 
_refine.overall_SU_B                             3.2340 
_refine.solvent_model_details                    MASK 
_refine.pdbx_solvent_vdw_probe_radii             1.4000 
_refine.pdbx_solvent_ion_probe_radii             0.8000 
_refine.pdbx_solvent_shrinkage_radii             0.8000 
_refine.ls_number_parameters                     ? 
_refine.ls_number_restraints                     ? 
_refine.pdbx_starting_model                      'ideal beta strand' 
_refine.pdbx_method_to_determine_struct          'MOLECULAR REPLACEMENT' 
_refine.pdbx_stereochemistry_target_values       'MAXIMUM LIKELIHOOD' 
_refine.pdbx_stereochem_target_val_spec_case     ? 
_refine.overall_FOM_work_R_set                   0.7168 
_refine.B_iso_max                                39.730 
_refine.B_iso_min                                12.850 
_refine.pdbx_overall_phase_error                 ? 
_refine.occupancy_max                            ? 
_refine.occupancy_min                            ? 
_refine.pdbx_ls_sigma_I                          ? 
_refine.ls_redundancy_reflns_obs                 ? 
_refine.ls_R_factor_R_free_error_details         ? 
_refine.pdbx_data_cutoff_high_rms_absF           ? 
_refine.overall_FOM_free_R_set                   ? 
_refine.pdbx_diffrn_id                           1 
_refine.pdbx_refine_id                           'X-RAY DIFFRACTION' 
_refine.pdbx_TLS_residual_ADP_flag               ? 
_refine.pdbx_overall_SU_R_free_Cruickshank_DPI   ? 
_refine.pdbx_overall_SU_R_Blow_DPI               ? 
_refine.pdbx_overall_SU_R_free_Blow_DPI          ? 
# 
_refine_hist.pdbx_refine_id                   'X-RAY DIFFRACTION' 
_refine_hist.cycle_id                         LAST 
_refine_hist.pdbx_number_atoms_protein        45 
_refine_hist.pdbx_number_atoms_nucleic_acid   0 
_refine_hist.pdbx_number_atoms_ligand         0 
_refine_hist.number_atoms_solvent             1 
_refine_hist.number_atoms_total               46 
_refine_hist.d_res_high                       1.5000 
_refine_hist.d_res_low                        23.9700 
# 
loop_
_refine_ls_restr.type 
_refine_ls_restr.number 
_refine_ls_restr.dev_ideal 
_refine_ls_restr.dev_ideal_target 
_refine_ls_restr.weight 
_refine_ls_restr.pdbx_restraint_function 
_refine_ls_restr.pdbx_refine_id 
r_bond_refined_d         44 0.016 0.023  ? ? 'X-RAY DIFFRACTION' 
r_bond_other_d           19 0.001 0.020  ? ? 'X-RAY DIFFRACTION' 
r_angle_refined_deg      61 1.432 1.984  ? ? 'X-RAY DIFFRACTION' 
r_angle_other_deg        50 0.873 3.000  ? ? 'X-RAY DIFFRACTION' 
r_dihedral_angle_1_deg   6  3.330 5.000  ? ? 'X-RAY DIFFRACTION' 
r_dihedral_angle_3_deg   5  6.614 15.000 ? ? 'X-RAY DIFFRACTION' 
r_chiral_restr           11 0.087 0.200  ? ? 'X-RAY DIFFRACTION' 
r_gen_planes_refined     46 0.007 0.020  ? ? 'X-RAY DIFFRACTION' 
r_gen_planes_other       6  0.000 0.020  ? ? 'X-RAY DIFFRACTION' 
r_nbd_refined            2  0.064 0.200  ? ? 'X-RAY DIFFRACTION' 
r_nbd_other              15 0.248 0.200  ? ? 'X-RAY DIFFRACTION' 
r_nbtor_refined          24 0.170 0.200  ? ? 'X-RAY DIFFRACTION' 
r_nbtor_other            26 0.097 0.200  ? ? 'X-RAY DIFFRACTION' 
r_symmetry_vdw_refined   3  0.070 0.200  ? ? 'X-RAY DIFFRACTION' 
r_symmetry_vdw_other     7  0.213 0.200  ? ? 'X-RAY DIFFRACTION' 
r_symmetry_hbond_refined 1  0.155 0.200  ? ? 'X-RAY DIFFRACTION' 
r_mcbond_it              41 2.408 2.000  ? ? 'X-RAY DIFFRACTION' 
r_mcbond_other           14 0.371 2.000  ? ? 'X-RAY DIFFRACTION' 
r_mcangle_it             56 2.981 3.000  ? ? 'X-RAY DIFFRACTION' 
r_scbond_it              10 1.568 2.000  ? ? 'X-RAY DIFFRACTION' 
r_scangle_it             5  1.124 3.000  ? ? 'X-RAY DIFFRACTION' 
# 
_refine_ls_shell.d_res_high                       1.5020 
_refine_ls_shell.d_res_low                        1.6780 
_refine_ls_shell.pdbx_total_number_of_bins_used   5 
_refine_ls_shell.percent_reflns_obs               85.9400 
_refine_ls_shell.number_reflns_R_work             143 
_refine_ls_shell.R_factor_all                     ? 
_refine_ls_shell.R_factor_R_work                  0.3700 
_refine_ls_shell.R_factor_R_free                  0.4050 
_refine_ls_shell.percent_reflns_R_free            ? 
_refine_ls_shell.number_reflns_R_free             22 
_refine_ls_shell.R_factor_R_free_error            ? 
_refine_ls_shell.number_reflns_all                165 
_refine_ls_shell.number_reflns_obs                ? 
_refine_ls_shell.pdbx_refine_id                   'X-RAY DIFFRACTION' 
_refine_ls_shell.redundancy_reflns_obs            ? 
# 
_struct.entry_id                  4R0W 
_struct.title                     'Vvtgvta, an amyloid forming segment from alpha synuclein, residues 70-76' 
_struct.pdbx_model_details        ? 
_struct.pdbx_CASP_flag            ? 
_struct.pdbx_model_type_details   ? 
# 
_struct_keywords.entry_id        4R0W 
_struct_keywords.text            'amyloid-like protofibril, PROTEIN FIBRIL' 
_struct_keywords.pdbx_keywords   'PROTEIN FIBRIL' 
# 
loop_
_struct_asym.id 
_struct_asym.pdbx_blank_PDB_chainid_flag 
_struct_asym.pdbx_modified 
_struct_asym.entity_id 
_struct_asym.details 
A N N 1 ? 
B N N 2 ? 
# 
_struct_ref.id                         1 
_struct_ref.db_name                    UNP 
_struct_ref.db_code                    SYUA_HUMAN 
_struct_ref.pdbx_db_accession          P37840 
_struct_ref.entity_id                  1 
_struct_ref.pdbx_seq_one_letter_code   VVTGVTA 
_struct_ref.pdbx_align_begin           70 
_struct_ref.pdbx_db_isoform            ? 
# 
_struct_ref_seq.align_id                      1 
_struct_ref_seq.ref_id                        1 
_struct_ref_seq.pdbx_PDB_id_code              4R0W 
_struct_ref_seq.pdbx_strand_id                A 
_struct_ref_seq.seq_align_beg                 1 
_struct_ref_seq.pdbx_seq_align_beg_ins_code   ? 
_struct_ref_seq.seq_align_end                 7 
_struct_ref_seq.pdbx_seq_align_end_ins_code   ? 
_struct_ref_seq.pdbx_db_accession             P37840 
_struct_ref_seq.db_align_beg                  70 
_struct_ref_seq.pdbx_db_align_beg_ins_code    ? 
_struct_ref_seq.db_align_end                  76 
_struct_ref_seq.pdbx_db_align_end_ins_code    ? 
_struct_ref_seq.pdbx_auth_seq_align_beg       1 
_struct_ref_seq.pdbx_auth_seq_align_end       7 
# 
_pdbx_struct_assembly.id                   1 
_pdbx_struct_assembly.details              author_defined_assembly 
_pdbx_struct_assembly.method_details       ? 
_pdbx_struct_assembly.oligomeric_details   decameric 
_pdbx_struct_assembly.oligomeric_count     10 
# 
_pdbx_struct_assembly_gen.assembly_id       1 
_pdbx_struct_assembly_gen.oper_expression   1,2,3,4,5,6,7,8,9,10 
_pdbx_struct_assembly_gen.asym_id_list      A,B 
# 
loop_
_pdbx_struct_oper_list.id 
_pdbx_struct_oper_list.type 
_pdbx_struct_oper_list.name 
_pdbx_struct_oper_list.symmetry_operation 
_pdbx_struct_oper_list.matrix[1][1] 
_pdbx_struct_oper_list.matrix[1][2] 
_pdbx_struct_oper_list.matrix[1][3] 
_pdbx_struct_oper_list.vector[1] 
_pdbx_struct_oper_list.matrix[2][1] 
_pdbx_struct_oper_list.matrix[2][2] 
_pdbx_struct_oper_list.matrix[2][3] 
_pdbx_struct_oper_list.vector[2] 
_pdbx_struct_oper_list.matrix[3][1] 
_pdbx_struct_oper_list.matrix[3][2] 
_pdbx_struct_oper_list.matrix[3][3] 
_pdbx_struct_oper_list.vector[3] 
1  'identity operation'         1_555 x,y,z             1.0000000000  0.0000000000 0.0000000000 0.0000000000  0.0000000000 1.0000000000  0.0000000000 0.0000000000  0.0000000000 0.0000000000 1.0000000000 0.0000000000   
2  'crystal symmetry operation' 1_535 x,y-2,z           1.0000000000  0.0000000000 0.0000000000 4.1563284221  0.0000000000 1.0000000000  0.0000000000 4.9097503191  0.0000000000 0.0000000000 1.0000000000 7.1878092526   
3  'crystal symmetry operation' 1_545 x,y-1,z           1.0000000000  0.0000000000 0.0000000000 2.0781642110  0.0000000000 1.0000000000  0.0000000000 2.4548751595  0.0000000000 0.0000000000 1.0000000000 3.5939046263   
4  'crystal symmetry operation' 1_565 x,y+1,z           1.0000000000  0.0000000000 0.0000000000 -2.0781642110 0.0000000000 1.0000000000  0.0000000000 -2.4548751595 0.0000000000 0.0000000000 1.0000000000 -3.5939046263  
5  'crystal symmetry operation' 1_575 x,y+2,z           1.0000000000  0.0000000000 0.0000000000 -4.1563284221 0.0000000000 1.0000000000  0.0000000000 -4.9097503191 0.0000000000 0.0000000000 1.0000000000 -7.1878092526  
6  'crystal symmetry operation' 4_556 -x+1/2,y+1/2,-z+1 -0.6286741408 0.4386364768 0.6421579758 3.1911929285  0.4386364768 -0.4818514412 0.7585626077 3.3913202381  0.6421579758 0.7585626077 0.1105255820 -7.3980135840  
7  'crystal symmetry operation' 4_536 -x+1/2,y-3/2,-z+1 -0.6286741408 0.4386364768 0.6421579758 7.3475213506  0.4386364768 -0.4818514412 0.7585626077 8.3010705572  0.6421579758 0.7585626077 0.1105255820 -0.2102043313  
8  'crystal symmetry operation' 4_546 -x+1/2,y-1/2,-z+1 -0.6286741408 0.4386364768 0.6421579758 5.2693571395  0.4386364768 -0.4818514412 0.7585626077 5.8461953976  0.6421579758 0.7585626077 0.1105255820 -3.8041089577  
9  'crystal symmetry operation' 4_566 -x+1/2,y+3/2,-z+1 -0.6286741408 0.4386364768 0.6421579758 1.1130287175  0.4386364768 -0.4818514412 0.7585626077 0.9364450786  0.6421579758 0.7585626077 0.1105255820 -10.9919182103 
10 'crystal symmetry operation' 4_576 -x+1/2,y+5/2,-z+1 -0.6286741408 0.4386364768 0.6421579758 -0.9651354936 0.4386364768 -0.4818514412 0.7585626077 -1.5184300810 0.6421579758 0.7585626077 0.1105255820 -14.5858228366 
# 
_struct_biol.id        1 
_struct_biol.details   
;The biological unit is a fibril, comprising a pair of beta sheets constructed from chain A and unit cell translations along the b direction (that is, the b direction corresponds to the fiber axis) (i.e. X,Y,Z; X,Y+1,Z; X,Y+2,Z; etc.) together with a symmetry related sheet formed from 1/2-X,1/2+Y,-Z+1 and its unit cell translations along the b direction (i.e. 1/2-X,3/2+Y,-Z+1; 1/2-X,5/2+Y,-Z+1;  etc.). REMARK 350 displays 5 strands from each sheet.
;
# 
_pdbx_struct_special_symmetry.id              1 
_pdbx_struct_special_symmetry.PDB_model_num   1 
_pdbx_struct_special_symmetry.auth_asym_id    A 
_pdbx_struct_special_symmetry.auth_comp_id    HOH 
_pdbx_struct_special_symmetry.auth_seq_id     101 
_pdbx_struct_special_symmetry.PDB_ins_code    ? 
_pdbx_struct_special_symmetry.label_asym_id   B 
_pdbx_struct_special_symmetry.label_comp_id   HOH 
_pdbx_struct_special_symmetry.label_seq_id    . 
# 
_pdbx_phasing_MR.entry_id                     4R0W 
_pdbx_phasing_MR.method_rotation              ? 
_pdbx_phasing_MR.method_translation           ? 
_pdbx_phasing_MR.model_details                'Phaser MODE: MR_AUTO' 
_pdbx_phasing_MR.R_factor                     ? 
_pdbx_phasing_MR.R_rigid_body                 ? 
_pdbx_phasing_MR.correlation_coeff_Fo_to_Fc   ? 
_pdbx_phasing_MR.correlation_coeff_Io_to_Ic   ? 
_pdbx_phasing_MR.d_res_high_rotation          1.600 
_pdbx_phasing_MR.d_res_low_rotation           23.970 
_pdbx_phasing_MR.d_res_high_translation       1.600 
_pdbx_phasing_MR.d_res_low_translation        23.970 
_pdbx_phasing_MR.packing                      ? 
_pdbx_phasing_MR.reflns_percent_rotation      ? 
_pdbx_phasing_MR.reflns_percent_translation   ? 
_pdbx_phasing_MR.sigma_F_rotation             ? 
_pdbx_phasing_MR.sigma_F_translation          ? 
_pdbx_phasing_MR.sigma_I_rotation             ? 
_pdbx_phasing_MR.sigma_I_translation          ? 
# 
_phasing.method   MR 
# 
loop_
_chem_comp_atom.comp_id 
_chem_comp_atom.atom_id 
_chem_comp_atom.type_symbol 
_chem_comp_atom.pdbx_aromatic_flag 
_chem_comp_atom.pdbx_stereo_config 
_chem_comp_atom.pdbx_ordinal 
ALA N    N N N 1  
ALA CA   C N S 2  
ALA C    C N N 3  
ALA O    O N N 4  
ALA CB   C N N 5  
ALA OXT  O N N 6  
ALA H    H N N 7  
ALA H2   H N N 8  
ALA HA   H N N 9  
ALA HB1  H N N 10 
ALA HB2  H N N 11 
ALA HB3  H N N 12 
ALA HXT  H N N 13 
GLY N    N N N 14 
GLY CA   C N N 15 
GLY C    C N N 16 
GLY O    O N N 17 
GLY OXT  O N N 18 
GLY H    H N N 19 
GLY H2   H N N 20 
GLY HA2  H N N 21 
GLY HA3  H N N 22 
GLY HXT  H N N 23 
HOH O    O N N 24 
HOH H1   H N N 25 
HOH H2   H N N 26 
THR N    N N N 27 
THR CA   C N S 28 
THR C    C N N 29 
THR O    O N N 30 
THR CB   C N R 31 
THR OG1  O N N 32 
THR CG2  C N N 33 
THR OXT  O N N 34 
THR H    H N N 35 
THR H2   H N N 36 
THR HA   H N N 37 
THR HB   H N N 38 
THR HG1  H N N 39 
THR HG21 H N N 40 
THR HG22 H N N 41 
THR HG23 H N N 42 
THR HXT  H N N 43 
VAL N    N N N 44 
VAL CA   C N S 45 
VAL C    C N N 46 
VAL O    O N N 47 
VAL CB   C N N 48 
VAL CG1  C N N 49 
VAL CG2  C N N 50 
VAL OXT  O N N 51 
VAL H    H N N 52 
VAL H2   H N N 53 
VAL HA   H N N 54 
VAL HB   H N N 55 
VAL HG11 H N N 56 
VAL HG12 H N N 57 
VAL HG13 H N N 58 
VAL HG21 H N N 59 
VAL HG22 H N N 60 
VAL HG23 H N N 61 
VAL HXT  H N N 62 
# 
loop_
_chem_comp_bond.comp_id 
_chem_comp_bond.atom_id_1 
_chem_comp_bond.atom_id_2 
_chem_comp_bond.value_order 
_chem_comp_bond.pdbx_aromatic_flag 
_chem_comp_bond.pdbx_stereo_config 
_chem_comp_bond.pdbx_ordinal 
ALA N   CA   sing N N 1  
ALA N   H    sing N N 2  
ALA N   H2   sing N N 3  
ALA CA  C    sing N N 4  
ALA CA  CB   sing N N 5  
ALA CA  HA   sing N N 6  
ALA C   O    doub N N 7  
ALA C   OXT  sing N N 8  
ALA CB  HB1  sing N N 9  
ALA CB  HB2  sing N N 10 
ALA CB  HB3  sing N N 11 
ALA OXT HXT  sing N N 12 
GLY N   CA   sing N N 13 
GLY N   H    sing N N 14 
GLY N   H2   sing N N 15 
GLY CA  C    sing N N 16 
GLY CA  HA2  sing N N 17 
GLY CA  HA3  sing N N 18 
GLY C   O    doub N N 19 
GLY C   OXT  sing N N 20 
GLY OXT HXT  sing N N 21 
HOH O   H1   sing N N 22 
HOH O   H2   sing N N 23 
THR N   CA   sing N N 24 
THR N   H    sing N N 25 
THR N   H2   sing N N 26 
THR CA  C    sing N N 27 
THR CA  CB   sing N N 28 
THR CA  HA   sing N N 29 
THR C   O    doub N N 30 
THR C   OXT  sing N N 31 
THR CB  OG1  sing N N 32 
THR CB  CG2  sing N N 33 
THR CB  HB   sing N N 34 
THR OG1 HG1  sing N N 35 
THR CG2 HG21 sing N N 36 
THR CG2 HG22 sing N N 37 
THR CG2 HG23 sing N N 38 
THR OXT HXT  sing N N 39 
VAL N   CA   sing N N 40 
VAL N   H    sing N N 41 
VAL N   H2   sing N N 42 
VAL CA  C    sing N N 43 
VAL CA  CB   sing N N 44 
VAL CA  HA   sing N N 45 
VAL C   O    doub N N 46 
VAL C   OXT  sing N N 47 
VAL CB  CG1  sing N N 48 
VAL CB  CG2  sing N N 49 
VAL CB  HB   sing N N 50 
VAL CG1 HG11 sing N N 51 
VAL CG1 HG12 sing N N 52 
VAL CG1 HG13 sing N N 53 
VAL CG2 HG21 sing N N 54 
VAL CG2 HG22 sing N N 55 
VAL CG2 HG23 sing N N 56 
VAL OXT HXT  sing N N 57 
# 
_pdbx_initial_refinement_model.accession_code   ? 
_pdbx_initial_refinement_model.id               1 
_pdbx_initial_refinement_model.entity_id_list   ? 
_pdbx_initial_refinement_model.type             'in silico model' 
_pdbx_initial_refinement_model.source_name      Other 
_pdbx_initial_refinement_model.details          'ideal beta strand' 
# 
_atom_sites.entry_id                    4R0W 
_atom_sites.fract_transf_matrix[1][1]   0.01715876 
_atom_sites.fract_transf_matrix[1][2]   0.00246683 
_atom_sites.fract_transf_matrix[1][3]   -0.01160701 
_atom_sites.fract_transf_matrix[2][1]   -0.08933995 
_atom_sites.fract_transf_matrix[2][2]   -0.10553469 
_atom_sites.fract_transf_matrix[2][3]   -0.15450139 
_atom_sites.fract_transf_matrix[3][1]   -0.00674725 
_atom_sites.fract_transf_matrix[3][2]   0.05676592 
_atom_sites.fract_transf_matrix[3][3]   -0.03487331 
_atom_sites.fract_transf_vector[1]      0.175487 
_atom_sites.fract_transf_vector[2]      0.429816 
_atom_sites.fract_transf_vector[3]      0.285502 
# 
loop_
_atom_type.symbol 
C 
N 
O 
# 
loop_
_atom_site.group_PDB 
_atom_site.id 
_atom_site.type_symbol 
_atom_site.label_atom_id 
_atom_site.label_alt_id 
_atom_site.label_comp_id 
_atom_site.label_asym_id 
_atom_site.label_entity_id 
_atom_site.label_seq_id 
_atom_site.pdbx_PDB_ins_code 
_atom_site.Cartn_x 
_atom_site.Cartn_y 
_atom_site.Cartn_z 
_atom_site.occupancy 
_atom_site.B_iso_or_equiv 
_atom_site.pdbx_formal_charge 
_atom_site.auth_seq_id 
_atom_site.auth_comp_id 
_atom_site.auth_asym_id 
_atom_site.auth_atom_id 
_atom_site.pdbx_PDB_model_num 
ATOM   1  N N   . VAL A 1 1 ? 10.123  -0.997 -4.854 1.00 20.79 ? 1   VAL A N   1 
ATOM   2  C CA  . VAL A 1 1 ? 8.960   -1.706 -4.248 1.00 17.09 ? 1   VAL A CA  1 
ATOM   3  C C   . VAL A 1 1 ? 8.041   -0.733 -3.535 1.00 12.99 ? 1   VAL A C   1 
ATOM   4  O O   . VAL A 1 1 ? 8.468   0.005  -2.683 1.00 12.85 ? 1   VAL A O   1 
ATOM   5  C CB  . VAL A 1 1 ? 9.446   -2.745 -3.238 1.00 18.00 ? 1   VAL A CB  1 
ATOM   6  C CG1 . VAL A 1 1 ? 8.283   -3.504 -2.678 1.00 19.36 ? 1   VAL A CG1 1 
ATOM   7  C CG2 . VAL A 1 1 ? 10.416  -3.666 -3.900 1.00 18.53 ? 1   VAL A CG2 1 
ATOM   8  N N   . VAL A 1 2 ? 6.769   -0.765 -3.858 1.00 14.71 ? 2   VAL A N   1 
ATOM   9  C CA  . VAL A 1 2 ? 5.795   0.056  -3.200 1.00 14.99 ? 2   VAL A CA  1 
ATOM   10 C C   . VAL A 1 2 ? 4.671   -0.835 -2.729 1.00 14.78 ? 2   VAL A C   1 
ATOM   11 O O   . VAL A 1 2 ? 4.126   -1.630 -3.508 1.00 14.02 ? 2   VAL A O   1 
ATOM   12 C CB  . VAL A 1 2 ? 5.283   1.118  -4.199 1.00 15.83 ? 2   VAL A CB  1 
ATOM   13 C CG1 . VAL A 1 2 ? 4.059   1.882  -3.646 1.00 16.98 ? 2   VAL A CG1 1 
ATOM   14 C CG2 . VAL A 1 2 ? 6.417   2.048  -4.524 1.00 15.98 ? 2   VAL A CG2 1 
ATOM   15 N N   . THR A 1 3 ? 4.374   -0.791 -1.431 1.00 17.00 ? 3   THR A N   1 
ATOM   16 C CA  . THR A 1 3 ? 3.234   -1.514 -0.916 1.00 16.19 ? 3   THR A CA  1 
ATOM   17 C C   . THR A 1 3 ? 2.289   -0.554 -0.247 1.00 15.50 ? 3   THR A C   1 
ATOM   18 O O   . THR A 1 3 ? 2.702   0.255  0.571  1.00 16.23 ? 3   THR A O   1 
ATOM   19 C CB  . THR A 1 3 ? 3.644   -2.566 0.111  1.00 17.89 ? 3   THR A CB  1 
ATOM   20 O OG1 . THR A 1 3 ? 4.706   -3.355 -0.432 1.00 19.42 ? 3   THR A OG1 1 
ATOM   21 C CG2 . THR A 1 3 ? 2.421   -3.437 0.469  1.00 19.85 ? 3   THR A CG2 1 
ATOM   22 N N   . GLY A 1 4 ? 1.013   -0.663 -0.559 1.00 15.41 ? 4   GLY A N   1 
ATOM   23 C CA  . GLY A 1 4 ? 0.024   0.257  -0.010 1.00 15.61 ? 4   GLY A CA  1 
ATOM   24 C C   . GLY A 1 4 ? -1.296  -0.416 0.310  1.00 14.01 ? 4   GLY A C   1 
ATOM   25 O O   . GLY A 1 4 ? -1.795  -1.234 -0.470 1.00 13.03 ? 4   GLY A O   1 
ATOM   26 N N   . VAL A 1 5 ? -1.835  -0.093 1.480  1.00 13.62 ? 5   VAL A N   1 
ATOM   27 C CA  . VAL A 1 5 ? -3.136  -0.610 1.907  1.00 16.03 ? 5   VAL A CA  1 
ATOM   28 C C   . VAL A 1 5 ? -3.940  0.590  2.373  1.00 15.40 ? 5   VAL A C   1 
ATOM   29 O O   . VAL A 1 5 ? -3.502  1.265  3.275  1.00 15.78 ? 5   VAL A O   1 
ATOM   30 C CB  . VAL A 1 5 ? -2.991  -1.564 3.085  1.00 17.07 ? 5   VAL A CB  1 
ATOM   31 C CG1 . VAL A 1 5 ? -4.333  -2.115 3.450  1.00 17.49 ? 5   VAL A CG1 1 
ATOM   32 C CG2 . VAL A 1 5 ? -1.978  -2.673 2.772  1.00 18.54 ? 5   VAL A CG2 1 
ATOM   33 N N   . THR A 1 6 ? -5.067  0.909  1.764  1.00 17.11 ? 6   THR A N   1 
ATOM   34 C CA  . THR A 1 6 ? -5.851  2.032  2.260  1.00 17.81 ? 6   THR A CA  1 
ATOM   35 C C   . THR A 1 6 ? -7.207  1.544  2.636  1.00 18.87 ? 6   THR A C   1 
ATOM   36 O O   . THR A 1 6 ? -7.796  0.781  1.907  1.00 26.63 ? 6   THR A O   1 
ATOM   37 C CB  . THR A 1 6 ? -5.946  3.180  1.256  1.00 15.85 ? 6   THR A CB  1 
ATOM   38 O OG1 . THR A 1 6 ? -6.702  2.779  0.142  1.00 19.10 ? 6   THR A OG1 1 
ATOM   39 C CG2 . THR A 1 6 ? -4.584  3.617  0.802  1.00 17.27 ? 6   THR A CG2 1 
ATOM   40 N N   . ALA A 1 7 ? -7.698  1.924  3.795  1.00 22.76 ? 7   ALA A N   1 
ATOM   41 C CA  . ALA A 1 7 ? -9.025  1.485  4.207  1.00 25.44 ? 7   ALA A CA  1 
ATOM   42 C C   . ALA A 1 7 ? -9.769  2.567  4.994  1.00 27.84 ? 7   ALA A C   1 
ATOM   43 O O   . ALA A 1 7 ? -9.281  3.690  5.132  1.00 30.54 ? 7   ALA A O   1 
ATOM   44 C CB  . ALA A 1 7 ? -8.939  0.195  5.001  1.00 26.00 ? 7   ALA A CB  1 
ATOM   45 O OXT . ALA A 1 7 ? -10.892 2.347  5.469  1.00 28.94 ? 7   ALA A OXT 1 
HETATM 46 O O   . HOH B 2 . ? -7.534  6.029  5.092  0.50 39.73 ? 101 HOH A O   1 
# 
